data_6MYJ
#
_entry.id   6MYJ
#
_cell.length_a   46.425
_cell.length_b   100.565
_cell.length_c   58.813
_cell.angle_alpha   90.000
_cell.angle_beta   106.290
_cell.angle_gamma   90.000
#
_symmetry.space_group_name_H-M   'P 1 21 1'
#
loop_
_entity.id
_entity.type
_entity.pdbx_description
1 polymer 'Ostreolysin A6'
2 non-polymer 'SODIUM ION'
3 non-polymer 1,2-ETHANEDIOL
4 non-polymer N-[(2S)-1-hydroxypropan-2-yl]butanamide
5 water water
#
_entity_poly.entity_id   1
_entity_poly.type   'polypeptide(L)'
_entity_poly.pdbx_seq_one_letter_code
;GMAYAQWVIIIIHNVGSQDVKIKNLKASWGKLHADGDKDAEVSASNYEGKIVKPDEKLQINASGRSDAAEGTTGTFDLVD
PADGDKQVRHFYWDSPWGSKTNTWTVSGSNTKWMIEYSGQNLDSGALGTITVDTLKKGN
;
_entity_poly.pdbx_strand_id   A,B,C,D
#
# COMPACT_ATOMS: atom_id res chain seq x y z
N TYR A 4 0.72 -10.46 12.38
CA TYR A 4 0.29 -9.78 11.16
C TYR A 4 -1.08 -10.28 10.71
N ALA A 5 -1.59 -11.31 11.38
CA ALA A 5 -2.94 -11.77 11.10
C ALA A 5 -3.99 -10.71 11.43
N GLN A 6 -3.67 -9.77 12.33
CA GLN A 6 -4.57 -8.67 12.64
C GLN A 6 -4.15 -7.46 11.82
N TRP A 7 -5.04 -7.00 10.95
CA TRP A 7 -4.71 -5.88 10.08
C TRP A 7 -5.99 -5.22 9.65
N VAL A 8 -5.85 -3.98 9.21
CA VAL A 8 -6.91 -3.20 8.59
C VAL A 8 -6.30 -2.35 7.49
N ILE A 9 -7.06 -2.13 6.44
CA ILE A 9 -6.78 -1.12 5.43
C ILE A 9 -8.00 -0.23 5.41
N ILE A 10 -7.79 1.08 5.57
CA ILE A 10 -8.88 2.06 5.58
C ILE A 10 -8.65 2.94 4.38
N ILE A 11 -9.65 2.99 3.50
CA ILE A 11 -9.56 3.79 2.28
C ILE A 11 -10.60 4.89 2.39
N ILE A 12 -10.15 6.12 2.48
CA ILE A 12 -11.04 7.27 2.51
CA ILE A 12 -11.04 7.29 2.51
C ILE A 12 -11.21 7.76 1.07
N HIS A 13 -12.44 7.70 0.56
CA HIS A 13 -12.73 8.09 -0.81
C HIS A 13 -13.64 9.31 -0.75
N ASN A 14 -13.15 10.45 -1.23
CA ASN A 14 -13.99 11.64 -1.27
C ASN A 14 -14.85 11.60 -2.52
N VAL A 15 -16.13 11.29 -2.35
CA VAL A 15 -17.06 11.15 -3.47
C VAL A 15 -17.90 12.41 -3.67
N GLY A 16 -17.63 13.47 -2.92
CA GLY A 16 -18.29 14.74 -3.08
C GLY A 16 -17.43 15.74 -3.82
N SER A 17 -17.81 17.00 -3.70
CA SER A 17 -17.18 18.08 -4.46
CA SER A 17 -17.18 18.08 -4.46
C SER A 17 -16.36 19.02 -3.58
N GLN A 18 -16.21 18.71 -2.30
CA GLN A 18 -15.50 19.59 -1.38
C GLN A 18 -14.46 18.79 -0.60
N ASP A 19 -13.28 19.39 -0.44
CA ASP A 19 -12.17 18.75 0.25
C ASP A 19 -12.55 18.30 1.66
N VAL A 20 -11.98 17.19 2.11
CA VAL A 20 -12.04 16.74 3.48
C VAL A 20 -10.61 16.57 3.97
N LYS A 21 -10.41 16.62 5.29
CA LYS A 21 -9.07 16.61 5.87
C LYS A 21 -8.99 15.61 7.00
N ILE A 22 -7.86 14.91 7.10
CA ILE A 22 -7.63 13.96 8.19
C ILE A 22 -6.72 14.58 9.23
N LYS A 23 -7.03 14.37 10.51
CA LYS A 23 -6.20 14.80 11.62
C LYS A 23 -6.21 13.75 12.71
N ASN A 24 -5.17 13.79 13.53
CA ASN A 24 -5.12 13.03 14.79
C ASN A 24 -5.09 11.52 14.56
N LEU A 25 -4.46 11.07 13.48
CA LEU A 25 -4.32 9.64 13.29
C LEU A 25 -3.36 9.10 14.33
N LYS A 26 -3.75 8.03 15.01
CA LYS A 26 -2.89 7.49 16.06
C LYS A 26 -3.22 6.02 16.24
N ALA A 27 -2.22 5.17 16.17
CA ALA A 27 -2.37 3.76 16.50
C ALA A 27 -1.98 3.57 17.96
N SER A 28 -2.89 3.05 18.78
CA SER A 28 -2.57 2.75 20.16
C SER A 28 -2.00 1.36 20.34
N TRP A 29 -2.27 0.44 19.41
CA TRP A 29 -1.65 -0.88 19.38
C TRP A 29 -1.25 -1.18 17.95
N GLY A 30 -0.13 -1.84 17.78
CA GLY A 30 0.32 -2.18 16.45
C GLY A 30 1.01 -1.00 15.78
N LYS A 31 1.14 -1.08 14.47
CA LYS A 31 1.87 -0.09 13.68
C LYS A 31 1.02 0.35 12.50
N LEU A 32 1.40 1.48 11.95
CA LEU A 32 0.96 1.94 10.63
C LEU A 32 2.06 1.61 9.64
N HIS A 33 1.67 1.24 8.42
CA HIS A 33 2.67 0.82 7.45
C HIS A 33 2.27 1.25 6.04
N ALA A 34 3.20 1.06 5.12
CA ALA A 34 3.02 1.47 3.74
C ALA A 34 2.14 0.46 2.99
N ASP A 35 1.56 0.93 1.89
CA ASP A 35 0.65 0.09 1.10
C ASP A 35 1.34 -1.21 0.72
N GLY A 36 0.71 -2.34 1.06
CA GLY A 36 1.23 -3.63 0.68
C GLY A 36 2.58 -3.98 1.28
N ASP A 37 2.98 -3.32 2.37
CA ASP A 37 4.35 -3.44 2.86
C ASP A 37 4.32 -3.29 4.38
N LYS A 38 3.97 -4.38 5.07
CA LYS A 38 3.86 -4.35 6.54
C LYS A 38 5.19 -4.06 7.21
N ASP A 39 6.31 -4.40 6.57
CA ASP A 39 7.63 -4.15 7.14
C ASP A 39 8.05 -2.70 7.02
N ALA A 40 7.40 -1.91 6.18
CA ALA A 40 7.77 -0.52 5.94
C ALA A 40 6.85 0.32 6.81
N GLU A 41 7.26 0.60 8.05
CA GLU A 41 6.45 1.41 8.94
C GLU A 41 6.40 2.84 8.43
N VAL A 42 5.29 3.50 8.70
CA VAL A 42 5.11 4.90 8.37
C VAL A 42 4.68 5.67 9.61
N SER A 43 5.00 6.95 9.63
CA SER A 43 4.61 7.83 10.71
C SER A 43 3.20 8.37 10.52
N ALA A 44 2.46 8.45 11.60
CA ALA A 44 1.16 9.09 11.55
C ALA A 44 1.27 10.53 11.04
N SER A 45 2.43 11.17 11.22
CA SER A 45 2.57 12.57 10.81
C SER A 45 2.46 12.75 9.31
N ASN A 46 2.73 11.70 8.54
CA ASN A 46 2.55 11.78 7.10
C ASN A 46 1.10 12.04 6.73
N TYR A 47 0.18 11.74 7.64
CA TYR A 47 -1.23 11.92 7.40
C TYR A 47 -1.78 13.19 8.03
N GLU A 48 -1.07 13.80 8.98
CA GLU A 48 -1.63 14.90 9.75
C GLU A 48 -1.93 16.07 8.85
N GLY A 49 -3.19 16.45 8.79
CA GLY A 49 -3.63 17.55 7.97
C GLY A 49 -3.72 17.26 6.49
N LYS A 50 -3.60 16.00 6.07
CA LYS A 50 -3.68 15.69 4.66
C LYS A 50 -5.10 15.94 4.14
N ILE A 51 -5.16 16.56 2.98
CA ILE A 51 -6.43 16.82 2.31
C ILE A 51 -6.73 15.70 1.33
N VAL A 52 -7.97 15.24 1.31
CA VAL A 52 -8.45 14.31 0.29
C VAL A 52 -9.38 15.14 -0.60
N LYS A 53 -8.92 15.41 -1.82
CA LYS A 53 -9.68 16.20 -2.77
C LYS A 53 -10.78 15.37 -3.41
N PRO A 54 -11.72 16.04 -4.07
CA PRO A 54 -12.78 15.29 -4.76
C PRO A 54 -12.23 14.21 -5.68
N ASP A 55 -12.83 13.02 -5.54
CA ASP A 55 -12.56 11.77 -6.24
CA ASP A 55 -12.52 11.82 -6.31
C ASP A 55 -11.22 11.14 -5.88
N GLU A 56 -10.47 11.71 -4.95
CA GLU A 56 -9.23 11.11 -4.50
C GLU A 56 -9.51 10.09 -3.41
N LYS A 57 -8.55 9.20 -3.23
CA LYS A 57 -8.54 8.24 -2.14
C LYS A 57 -7.28 8.44 -1.30
N LEU A 58 -7.40 8.18 0.00
CA LEU A 58 -6.28 8.17 0.91
C LEU A 58 -6.33 6.85 1.67
N GLN A 59 -5.22 6.10 1.66
CA GLN A 59 -5.17 4.76 2.21
C GLN A 59 -4.31 4.73 3.45
N ILE A 60 -4.85 4.15 4.53
CA ILE A 60 -4.17 3.91 5.81
C ILE A 60 -4.07 2.40 5.97
N ASN A 61 -2.90 1.90 6.35
CA ASN A 61 -2.69 0.48 6.56
C ASN A 61 -2.17 0.30 7.98
N ALA A 62 -2.81 -0.55 8.76
CA ALA A 62 -2.38 -0.77 10.14
C ALA A 62 -2.37 -2.26 10.40
N SER A 63 -1.39 -2.72 11.15
CA SER A 63 -1.29 -4.13 11.45
C SER A 63 -0.74 -4.33 12.85
N GLY A 64 -0.94 -5.53 13.36
CA GLY A 64 -0.32 -5.94 14.59
C GLY A 64 1.18 -6.07 14.42
N ARG A 65 1.82 -6.38 15.54
CA ARG A 65 3.26 -6.45 15.62
C ARG A 65 3.79 -7.76 15.06
N SER A 66 5.01 -7.70 14.53
CA SER A 66 5.64 -8.91 13.98
C SER A 66 6.11 -9.85 15.07
N ASP A 67 6.46 -9.32 16.25
CA ASP A 67 7.12 -10.11 17.28
C ASP A 67 6.38 -10.07 18.61
N ALA A 68 5.06 -9.85 18.57
CA ALA A 68 4.28 -9.84 19.79
C ALA A 68 2.84 -10.21 19.46
N ALA A 69 2.16 -10.78 20.45
CA ALA A 69 0.75 -11.12 20.34
C ALA A 69 -0.07 -9.85 20.62
N GLU A 70 -0.01 -8.95 19.64
CA GLU A 70 -0.64 -7.65 19.76
CA GLU A 70 -0.59 -7.61 19.74
C GLU A 70 -1.30 -7.31 18.44
N GLY A 71 -2.58 -6.96 18.51
CA GLY A 71 -3.35 -6.57 17.34
C GLY A 71 -3.12 -5.12 16.94
N THR A 72 -4.11 -4.56 16.26
CA THR A 72 -4.06 -3.20 15.77
C THR A 72 -5.29 -2.45 16.27
N THR A 73 -5.05 -1.26 16.85
CA THR A 73 -6.11 -0.43 17.40
C THR A 73 -5.74 1.02 17.11
N GLY A 74 -6.70 1.84 16.74
CA GLY A 74 -6.38 3.23 16.47
C GLY A 74 -7.59 4.13 16.30
N THR A 75 -7.29 5.41 16.13
CA THR A 75 -8.32 6.43 15.93
C THR A 75 -7.83 7.45 14.92
N PHE A 76 -8.80 8.16 14.34
CA PHE A 76 -8.50 9.40 13.60
C PHE A 76 -9.78 10.21 13.51
N ASP A 77 -9.63 11.48 13.10
CA ASP A 77 -10.74 12.36 12.81
C ASP A 77 -10.71 12.80 11.36
N LEU A 78 -11.89 12.99 10.80
CA LEU A 78 -12.04 13.80 9.59
C LEU A 78 -12.63 15.15 9.97
N VAL A 79 -12.11 16.20 9.35
CA VAL A 79 -12.52 17.58 9.61
C VAL A 79 -12.74 18.31 8.29
N ASP A 80 -13.43 19.45 8.39
CA ASP A 80 -13.85 20.20 7.21
C ASP A 80 -12.96 21.41 7.06
N PRO A 81 -12.03 21.41 6.10
CA PRO A 81 -11.09 22.53 5.99
C PRO A 81 -11.73 23.83 5.54
N ALA A 82 -12.91 23.79 4.94
CA ALA A 82 -13.61 24.99 4.53
C ALA A 82 -14.30 25.68 5.70
N ASP A 83 -14.48 24.98 6.80
CA ASP A 83 -15.22 25.42 7.97
C ASP A 83 -14.29 25.46 9.19
N GLY A 84 -13.08 25.97 9.01
CA GLY A 84 -12.13 26.07 10.12
C GLY A 84 -11.75 24.74 10.74
N ASP A 85 -11.64 23.69 9.93
CA ASP A 85 -11.33 22.34 10.43
C ASP A 85 -12.37 21.86 11.44
N LYS A 86 -13.62 22.24 11.20
CA LYS A 86 -14.71 21.72 12.00
C LYS A 86 -14.77 20.20 11.92
N GLN A 87 -14.96 19.57 13.06
CA GLN A 87 -15.04 18.12 13.15
C GLN A 87 -16.16 17.58 12.26
N VAL A 88 -15.84 16.52 11.52
CA VAL A 88 -16.83 15.84 10.66
C VAL A 88 -17.26 14.55 11.34
N ARG A 89 -16.34 13.60 11.55
CA ARG A 89 -16.60 12.39 12.31
C ARG A 89 -15.30 11.94 12.96
N HIS A 90 -15.44 11.19 14.05
CA HIS A 90 -14.37 10.45 14.71
C HIS A 90 -14.46 8.97 14.34
N PHE A 91 -13.30 8.34 14.23
CA PHE A 91 -13.18 6.95 13.81
C PHE A 91 -12.34 6.17 14.80
N TYR A 92 -12.76 4.93 15.10
CA TYR A 92 -12.04 4.03 15.99
C TYR A 92 -12.03 2.65 15.36
N TRP A 93 -10.86 2.01 15.34
CA TRP A 93 -10.76 0.63 14.91
C TRP A 93 -10.07 -0.21 15.97
N ASP A 94 -10.47 -1.49 16.02
CA ASP A 94 -9.83 -2.46 16.90
C ASP A 94 -9.90 -3.83 16.26
N SER A 95 -8.74 -4.41 15.96
CA SER A 95 -8.63 -5.79 15.49
C SER A 95 -7.71 -6.49 16.48
N PRO A 96 -8.26 -6.98 17.59
CA PRO A 96 -7.40 -7.49 18.66
C PRO A 96 -6.83 -8.86 18.34
N TRP A 97 -5.69 -9.12 18.96
CA TRP A 97 -5.12 -10.46 18.90
C TRP A 97 -6.03 -11.39 19.68
N GLY A 98 -6.38 -12.51 19.09
CA GLY A 98 -7.14 -13.51 19.79
C GLY A 98 -8.60 -13.52 19.42
N SER A 99 -9.40 -14.07 20.33
CA SER A 99 -10.80 -14.39 20.04
C SER A 99 -11.70 -13.17 20.03
N LYS A 100 -11.30 -12.05 20.63
CA LYS A 100 -12.20 -10.92 20.76
C LYS A 100 -12.60 -10.42 19.36
N THR A 101 -13.91 -10.24 19.17
CA THR A 101 -14.43 -9.71 17.92
C THR A 101 -13.82 -8.36 17.62
N ASN A 102 -13.89 -7.95 16.36
CA ASN A 102 -13.34 -6.68 15.95
C ASN A 102 -14.38 -5.57 16.12
N THR A 103 -13.88 -4.33 16.19
CA THR A 103 -14.74 -3.16 16.31
C THR A 103 -14.33 -2.13 15.28
N TRP A 104 -15.33 -1.51 14.65
CA TRP A 104 -15.15 -0.35 13.77
C TRP A 104 -16.28 0.62 14.11
N THR A 105 -15.94 1.78 14.65
CA THR A 105 -16.95 2.71 15.15
C THR A 105 -16.72 4.10 14.58
N VAL A 106 -17.76 4.62 13.95
CA VAL A 106 -17.78 5.99 13.44
C VAL A 106 -18.72 6.79 14.32
N SER A 107 -18.31 7.98 14.75
CA SER A 107 -19.15 8.73 15.66
C SER A 107 -19.09 10.21 15.32
N GLY A 108 -20.07 10.94 15.80
CA GLY A 108 -20.09 12.39 15.67
C GLY A 108 -21.22 12.86 14.79
N SER A 109 -21.44 14.17 14.87
CA SER A 109 -22.53 14.85 14.23
C SER A 109 -21.95 16.04 13.49
N ASN A 110 -22.10 16.03 12.18
CA ASN A 110 -21.92 17.23 11.39
C ASN A 110 -22.86 17.02 10.21
N THR A 111 -24.00 17.71 10.23
CA THR A 111 -25.06 17.42 9.27
C THR A 111 -24.75 17.94 7.88
N LYS A 112 -23.67 18.70 7.71
CA LYS A 112 -23.26 19.10 6.38
C LYS A 112 -22.61 17.96 5.61
N TRP A 113 -22.28 16.86 6.30
CA TRP A 113 -21.54 15.77 5.69
C TRP A 113 -22.29 14.45 5.79
N MET A 114 -22.15 13.65 4.75
CA MET A 114 -22.59 12.26 4.73
C MET A 114 -21.39 11.36 4.66
N ILE A 115 -21.40 10.31 5.45
CA ILE A 115 -20.29 9.39 5.59
C ILE A 115 -20.85 7.97 5.50
N GLU A 116 -20.35 7.17 4.55
CA GLU A 116 -20.79 5.79 4.35
C GLU A 116 -19.58 4.89 4.41
N TYR A 117 -19.69 3.75 5.09
CA TYR A 117 -18.57 2.82 5.17
C TYR A 117 -19.05 1.40 4.96
N SER A 118 -18.14 0.56 4.50
CA SER A 118 -18.41 -0.87 4.32
C SER A 118 -17.10 -1.63 4.22
N GLY A 119 -17.19 -2.96 4.36
CA GLY A 119 -16.06 -3.85 4.21
C GLY A 119 -15.58 -4.47 5.50
N GLN A 120 -15.92 -3.88 6.64
CA GLN A 120 -15.39 -4.34 7.91
C GLN A 120 -15.81 -5.78 8.20
N ASN A 121 -14.88 -6.55 8.72
CA ASN A 121 -15.15 -7.91 9.19
C ASN A 121 -15.23 -7.84 10.71
N LEU A 122 -16.42 -8.06 11.27
CA LEU A 122 -16.63 -7.92 12.71
C LEU A 122 -16.50 -9.24 13.46
N ASP A 123 -16.14 -10.31 12.78
CA ASP A 123 -16.03 -11.60 13.41
C ASP A 123 -14.57 -11.85 13.80
N SER A 124 -14.20 -13.12 13.92
CA SER A 124 -12.82 -13.48 14.16
C SER A 124 -11.99 -13.19 12.92
N GLY A 125 -10.75 -12.80 13.14
CA GLY A 125 -9.82 -12.56 12.08
C GLY A 125 -9.56 -11.08 11.90
N ALA A 126 -8.97 -10.75 10.76
CA ALA A 126 -8.60 -9.38 10.49
C ALA A 126 -9.83 -8.52 10.23
N LEU A 127 -9.74 -7.26 10.64
CA LEU A 127 -10.81 -6.33 10.35
C LEU A 127 -11.00 -6.13 8.85
N GLY A 128 -9.92 -6.21 8.06
CA GLY A 128 -10.03 -6.22 6.61
C GLY A 128 -9.93 -4.83 5.99
N THR A 129 -10.52 -4.70 4.81
CA THR A 129 -10.46 -3.45 4.04
C THR A 129 -11.78 -2.70 4.18
N ILE A 130 -11.71 -1.53 4.80
CA ILE A 130 -12.87 -0.69 5.07
C ILE A 130 -12.78 0.52 4.17
N THR A 131 -13.81 0.75 3.36
CA THR A 131 -13.89 1.93 2.53
C THR A 131 -14.85 2.91 3.16
N VAL A 132 -14.41 4.16 3.26
CA VAL A 132 -15.18 5.25 3.85
C VAL A 132 -15.38 6.28 2.75
N ASP A 133 -16.61 6.42 2.30
CA ASP A 133 -16.98 7.42 1.31
C ASP A 133 -17.43 8.68 2.04
N THR A 134 -16.93 9.84 1.62
CA THR A 134 -17.26 11.12 2.25
C THR A 134 -17.90 12.06 1.24
N LEU A 135 -18.93 12.79 1.66
CA LEU A 135 -19.60 13.72 0.77
C LEU A 135 -20.12 14.90 1.59
N LYS A 136 -19.74 16.10 1.19
CA LYS A 136 -20.33 17.28 1.80
C LYS A 136 -21.62 17.60 1.06
N LYS A 137 -22.73 17.63 1.80
CA LYS A 137 -24.04 17.86 1.21
C LYS A 137 -24.17 19.29 0.69
N GLY A 138 -24.94 19.44 -0.38
CA GLY A 138 -25.12 20.73 -1.01
C GLY A 138 -26.40 21.43 -0.57
N TYR B 4 19.70 -20.89 -12.36
CA TYR B 4 18.69 -19.85 -12.17
C TYR B 4 17.28 -20.44 -12.30
N ALA B 5 16.83 -21.16 -11.28
CA ALA B 5 15.52 -21.81 -11.34
C ALA B 5 14.39 -20.83 -11.07
N GLN B 6 14.59 -19.86 -10.19
CA GLN B 6 13.58 -18.86 -9.88
C GLN B 6 13.93 -17.55 -10.57
N TRP B 7 12.95 -16.98 -11.29
CA TRP B 7 13.18 -15.76 -12.05
C TRP B 7 11.84 -15.09 -12.33
N VAL B 8 11.93 -13.80 -12.64
CA VAL B 8 10.80 -13.01 -13.07
C VAL B 8 11.32 -12.01 -14.09
N ILE B 9 10.46 -11.68 -15.05
CA ILE B 9 10.68 -10.56 -15.93
C ILE B 9 9.46 -9.67 -15.75
N ILE B 10 9.69 -8.40 -15.48
CA ILE B 10 8.61 -7.45 -15.29
C ILE B 10 8.72 -6.41 -16.40
N ILE B 11 7.65 -6.29 -17.18
CA ILE B 11 7.61 -5.34 -18.28
C ILE B 11 6.56 -4.30 -17.95
N ILE B 12 6.98 -3.05 -17.84
CA ILE B 12 6.08 -1.93 -17.59
C ILE B 12 5.83 -1.24 -18.91
N HIS B 13 4.59 -1.22 -19.35
CA HIS B 13 4.20 -0.63 -20.63
C HIS B 13 3.25 0.51 -20.33
N ASN B 14 3.64 1.73 -20.67
CA ASN B 14 2.78 2.87 -20.45
C ASN B 14 1.82 2.95 -21.64
N VAL B 15 0.55 2.57 -21.41
CA VAL B 15 -0.47 2.58 -22.45
C VAL B 15 -1.33 3.84 -22.41
N GLY B 16 -0.94 4.83 -21.62
CA GLY B 16 -1.61 6.11 -21.54
C GLY B 16 -0.80 7.22 -22.17
N SER B 17 -1.17 8.47 -21.85
CA SER B 17 -0.59 9.65 -22.46
CA SER B 17 -0.58 9.64 -22.46
C SER B 17 0.28 10.47 -21.51
N GLN B 18 0.48 10.02 -20.26
CA GLN B 18 1.24 10.77 -19.26
CA GLN B 18 1.26 10.78 -19.30
C GLN B 18 2.36 9.90 -18.71
N ASP B 19 3.54 10.51 -18.54
CA ASP B 19 4.71 9.81 -18.02
C ASP B 19 4.41 9.13 -16.69
N VAL B 20 5.02 7.97 -16.51
CA VAL B 20 5.06 7.30 -15.21
C VAL B 20 6.53 7.06 -14.87
N LYS B 21 6.84 6.93 -13.58
CA LYS B 21 8.21 6.88 -13.09
C LYS B 21 8.38 5.74 -12.10
N ILE B 22 9.52 5.06 -12.17
CA ILE B 22 9.83 3.97 -11.26
C ILE B 22 10.71 4.49 -10.13
N LYS B 23 10.43 4.05 -8.89
CA LYS B 23 11.13 4.51 -7.70
C LYS B 23 11.22 3.37 -6.69
N ASN B 24 12.25 3.42 -5.85
CA ASN B 24 12.43 2.46 -4.74
C ASN B 24 12.54 1.00 -5.20
N LEU B 25 13.21 0.76 -6.32
CA LEU B 25 13.43 -0.62 -6.79
C LEU B 25 14.47 -1.31 -5.91
N LYS B 26 14.09 -2.42 -5.29
CA LYS B 26 15.00 -3.15 -4.41
CA LYS B 26 15.01 -3.15 -4.42
C LYS B 26 14.70 -4.64 -4.45
N ALA B 27 15.68 -5.43 -4.86
CA ALA B 27 15.58 -6.89 -4.81
C ALA B 27 16.16 -7.33 -3.47
N SER B 28 15.33 -7.89 -2.60
CA SER B 28 15.79 -8.39 -1.32
C SER B 28 16.44 -9.76 -1.40
N TRP B 29 16.10 -10.55 -2.42
CA TRP B 29 16.75 -11.83 -2.70
C TRP B 29 17.03 -11.89 -4.19
N GLY B 30 18.18 -12.44 -4.55
CA GLY B 30 18.55 -12.60 -5.93
C GLY B 30 19.22 -11.38 -6.48
N LYS B 31 19.37 -11.38 -7.79
CA LYS B 31 20.03 -10.26 -8.44
C LYS B 31 19.14 -9.73 -9.54
N LEU B 32 19.47 -8.56 -10.03
CA LEU B 32 18.95 -7.98 -11.25
C LEU B 32 19.97 -8.19 -12.35
N HIS B 33 19.48 -8.41 -13.56
CA HIS B 33 20.39 -8.70 -14.66
C HIS B 33 19.86 -8.13 -15.97
N ALA B 34 20.70 -8.23 -16.98
CA ALA B 34 20.40 -7.70 -18.30
C ALA B 34 19.36 -8.54 -19.01
N ASP B 35 18.67 -7.91 -19.96
CA ASP B 35 17.64 -8.59 -20.73
C ASP B 35 18.20 -9.85 -21.39
N GLY B 36 17.61 -10.99 -21.09
CA GLY B 36 18.02 -12.24 -21.69
C GLY B 36 19.36 -12.76 -21.25
N ASP B 37 19.98 -12.20 -20.21
CA ASP B 37 21.36 -12.58 -19.87
C ASP B 37 21.51 -12.54 -18.35
N LYS B 38 21.30 -13.70 -17.74
CA LYS B 38 21.35 -13.81 -16.30
C LYS B 38 22.77 -13.61 -15.76
N ASP B 39 23.78 -13.76 -16.61
CA ASP B 39 25.17 -13.60 -16.19
C ASP B 39 25.61 -12.14 -16.11
N ALA B 40 24.90 -11.23 -16.77
CA ALA B 40 25.25 -9.82 -16.80
C ALA B 40 24.43 -9.11 -15.71
N GLU B 41 25.01 -8.98 -14.52
CA GLU B 41 24.31 -8.32 -13.43
C GLU B 41 24.21 -6.82 -13.74
N VAL B 42 23.09 -6.21 -13.32
CA VAL B 42 22.89 -4.79 -13.46
C VAL B 42 22.55 -4.19 -12.10
N SER B 43 22.81 -2.91 -11.99
CA SER B 43 22.47 -2.14 -10.80
C SER B 43 21.01 -1.68 -10.85
N ALA B 44 20.36 -1.71 -9.69
CA ALA B 44 19.02 -1.13 -9.58
C ALA B 44 19.00 0.32 -10.00
N SER B 45 20.14 1.01 -9.91
CA SER B 45 20.22 2.41 -10.31
C SER B 45 20.00 2.60 -11.80
N ASN B 46 20.07 1.55 -12.60
CA ASN B 46 19.72 1.66 -14.02
C ASN B 46 18.25 2.01 -14.20
N TYR B 47 17.43 1.76 -13.19
CA TYR B 47 15.98 1.95 -13.27
C TYR B 47 15.49 3.01 -12.30
N GLU B 48 16.23 3.31 -11.26
CA GLU B 48 15.73 4.17 -10.20
C GLU B 48 15.50 5.57 -10.74
N GLY B 49 14.26 6.05 -10.64
CA GLY B 49 13.87 7.35 -11.13
C GLY B 49 13.62 7.42 -12.63
N LYS B 50 13.65 6.29 -13.34
CA LYS B 50 13.48 6.30 -14.77
C LYS B 50 12.04 6.59 -15.15
N ILE B 51 11.86 7.38 -16.18
CA ILE B 51 10.56 7.71 -16.74
C ILE B 51 10.22 6.72 -17.84
N VAL B 52 8.99 6.22 -17.83
CA VAL B 52 8.44 5.46 -18.93
C VAL B 52 7.45 6.35 -19.65
N LYS B 53 7.83 6.80 -20.85
CA LYS B 53 7.01 7.70 -21.64
C LYS B 53 5.84 6.95 -22.28
N PRO B 54 4.86 7.68 -22.81
CA PRO B 54 3.71 7.02 -23.45
C PRO B 54 4.15 6.06 -24.55
N ASP B 55 3.55 4.88 -24.53
CA ASP B 55 3.82 3.72 -25.38
C ASP B 55 5.19 3.06 -25.16
N GLU B 56 6.05 3.61 -24.31
CA GLU B 56 7.33 3.00 -24.03
C GLU B 56 7.19 1.83 -23.07
N LYS B 57 8.24 1.04 -23.00
CA LYS B 57 8.33 -0.12 -22.12
C LYS B 57 9.65 -0.08 -21.38
N LEU B 58 9.62 -0.57 -20.16
CA LEU B 58 10.79 -0.72 -19.31
C LEU B 58 10.74 -2.15 -18.79
N GLN B 59 11.88 -2.85 -18.84
CA GLN B 59 11.96 -4.26 -18.46
C GLN B 59 12.93 -4.46 -17.31
N ILE B 60 12.49 -5.16 -16.28
CA ILE B 60 13.31 -5.54 -15.14
C ILE B 60 13.44 -7.06 -15.15
N ASN B 61 14.65 -7.58 -15.03
CA ASN B 61 14.89 -9.01 -14.99
C ASN B 61 15.54 -9.35 -13.67
N ALA B 62 14.92 -10.23 -12.90
CA ALA B 62 15.43 -10.60 -11.59
C ALA B 62 15.49 -12.12 -11.50
N SER B 63 16.56 -12.66 -10.93
CA SER B 63 16.74 -14.10 -10.87
CA SER B 63 16.75 -14.10 -10.87
C SER B 63 17.42 -14.47 -9.58
N GLY B 64 17.13 -15.68 -9.10
CA GLY B 64 17.78 -16.18 -7.93
C GLY B 64 19.12 -16.77 -8.28
N ARG B 65 19.99 -16.79 -7.29
CA ARG B 65 21.31 -17.41 -7.40
C ARG B 65 21.10 -18.90 -7.10
N SER B 66 20.80 -19.67 -8.16
CA SER B 66 20.39 -21.07 -7.98
C SER B 66 21.39 -21.86 -7.16
N ASP B 67 22.69 -21.68 -7.43
CA ASP B 67 23.71 -22.41 -6.68
C ASP B 67 23.65 -22.10 -5.19
N ALA B 68 22.98 -21.01 -4.79
CA ALA B 68 22.82 -20.66 -3.39
C ALA B 68 21.48 -21.08 -2.83
N ALA B 69 20.69 -21.84 -3.58
CA ALA B 69 19.37 -22.28 -3.13
C ALA B 69 18.52 -21.10 -2.69
N GLU B 70 18.45 -20.10 -3.56
CA GLU B 70 17.72 -18.88 -3.28
C GLU B 70 16.80 -18.54 -4.44
N GLY B 71 15.74 -17.84 -4.12
CA GLY B 71 14.82 -17.33 -5.10
C GLY B 71 15.08 -15.88 -5.43
N THR B 72 14.08 -15.24 -6.01
CA THR B 72 14.08 -13.81 -6.29
C THR B 72 12.88 -13.17 -5.62
N THR B 73 13.12 -12.07 -4.91
CA THR B 73 12.09 -11.33 -4.17
C THR B 73 12.43 -9.86 -4.25
N GLY B 74 11.42 -9.01 -4.42
CA GLY B 74 11.70 -7.59 -4.48
C GLY B 74 10.45 -6.75 -4.51
N THR B 75 10.67 -5.43 -4.47
CA THR B 75 9.61 -4.44 -4.55
C THR B 75 10.05 -3.28 -5.42
N PHE B 76 9.06 -2.53 -5.89
CA PHE B 76 9.30 -1.21 -6.47
C PHE B 76 7.98 -0.45 -6.44
N ASP B 77 8.07 0.87 -6.67
CA ASP B 77 6.90 1.72 -6.79
C ASP B 77 6.85 2.34 -8.17
N LEU B 78 5.63 2.56 -8.65
CA LEU B 78 5.40 3.53 -9.72
C LEU B 78 4.87 4.80 -9.07
N VAL B 79 5.34 5.96 -9.57
CA VAL B 79 4.97 7.25 -9.03
C VAL B 79 4.67 8.19 -10.20
N ASP B 80 3.96 9.26 -9.87
CA ASP B 80 3.45 10.20 -10.87
C ASP B 80 4.30 11.48 -10.86
N PRO B 81 5.17 11.68 -11.85
CA PRO B 81 6.06 12.85 -11.82
C PRO B 81 5.34 14.17 -12.04
N ALA B 82 4.08 14.15 -12.47
CA ALA B 82 3.28 15.36 -12.60
C ALA B 82 2.56 15.75 -11.31
N ASP B 83 2.62 14.90 -10.29
CA ASP B 83 1.92 15.10 -9.03
C ASP B 83 2.91 14.89 -7.87
N GLY B 84 4.08 15.52 -7.98
CA GLY B 84 5.06 15.45 -6.92
C GLY B 84 5.57 14.04 -6.63
N ASP B 85 5.60 13.16 -7.63
CA ASP B 85 5.99 11.77 -7.43
C ASP B 85 5.06 11.08 -6.44
N LYS B 86 3.79 11.44 -6.48
CA LYS B 86 2.78 10.73 -5.72
C LYS B 86 2.78 9.27 -6.11
N GLN B 87 2.65 8.42 -5.11
CA GLN B 87 2.58 7.01 -5.35
C GLN B 87 1.43 6.65 -6.27
N VAL B 88 1.72 5.84 -7.27
CA VAL B 88 0.71 5.28 -8.14
C VAL B 88 0.29 3.90 -7.61
N ARG B 89 1.22 2.95 -7.58
CA ARG B 89 1.02 1.67 -6.90
C ARG B 89 2.37 1.18 -6.40
N HIS B 90 2.30 0.26 -5.45
CA HIS B 90 3.43 -0.50 -4.94
C HIS B 90 3.35 -1.92 -5.46
N PHE B 91 4.50 -2.48 -5.79
CA PHE B 91 4.63 -3.81 -6.39
C PHE B 91 5.54 -4.68 -5.54
N TYR B 92 5.15 -5.94 -5.37
CA TYR B 92 5.92 -6.94 -4.64
C TYR B 92 5.95 -8.23 -5.44
N TRP B 93 7.15 -8.79 -5.60
CA TRP B 93 7.29 -10.10 -6.22
C TRP B 93 8.04 -11.05 -5.30
N ASP B 94 7.68 -12.32 -5.36
CA ASP B 94 8.36 -13.38 -4.63
C ASP B 94 8.27 -14.66 -5.45
N SER B 95 9.42 -15.18 -5.84
CA SER B 95 9.56 -16.49 -6.49
C SER B 95 10.54 -17.28 -5.62
N PRO B 96 10.06 -17.91 -4.56
CA PRO B 96 10.98 -18.51 -3.59
C PRO B 96 11.59 -19.80 -4.10
N TRP B 97 12.79 -20.10 -3.59
CA TRP B 97 13.41 -21.38 -3.86
C TRP B 97 12.56 -22.49 -3.27
N GLY B 98 12.40 -23.56 -4.04
CA GLY B 98 11.69 -24.74 -3.56
C GLY B 98 10.20 -24.71 -3.84
N SER B 99 9.44 -25.41 -3.00
CA SER B 99 8.05 -25.70 -3.31
C SER B 99 7.10 -24.55 -3.00
N LYS B 100 7.51 -23.56 -2.21
CA LYS B 100 6.57 -22.50 -1.84
C LYS B 100 6.05 -21.78 -3.09
N THR B 101 4.73 -21.56 -3.12
CA THR B 101 4.09 -20.87 -4.24
C THR B 101 4.58 -19.43 -4.37
N ASN B 102 4.49 -18.90 -5.59
CA ASN B 102 4.93 -17.54 -5.86
C ASN B 102 3.87 -16.50 -5.50
N THR B 103 4.30 -15.26 -5.31
CA THR B 103 3.42 -14.14 -5.01
C THR B 103 3.75 -12.98 -5.93
N TRP B 104 2.70 -12.30 -6.38
CA TRP B 104 2.81 -11.04 -7.11
C TRP B 104 1.67 -10.16 -6.63
N THR B 105 1.99 -9.03 -6.00
CA THR B 105 0.97 -8.20 -5.38
C THR B 105 1.14 -6.75 -5.75
N VAL B 106 0.04 -6.13 -6.20
CA VAL B 106 -0.01 -4.72 -6.53
C VAL B 106 -0.93 -4.06 -5.52
N SER B 107 -0.48 -2.96 -4.92
CA SER B 107 -1.20 -2.32 -3.81
CA SER B 107 -1.25 -2.32 -3.85
C SER B 107 -1.26 -0.81 -4.00
N GLY B 108 -2.31 -0.18 -3.49
CA GLY B 108 -2.43 1.28 -3.50
C GLY B 108 -3.74 1.73 -4.12
N SER B 109 -4.05 3.02 -3.91
CA SER B 109 -5.39 3.57 -4.18
C SER B 109 -5.46 4.85 -5.02
N ASN B 110 -4.44 5.16 -5.80
CA ASN B 110 -4.41 6.42 -6.55
C ASN B 110 -5.43 6.37 -7.69
N THR B 111 -6.51 7.14 -7.57
CA THR B 111 -7.65 7.03 -8.47
C THR B 111 -7.38 7.66 -9.84
N LYS B 112 -6.30 8.42 -9.99
CA LYS B 112 -5.95 9.01 -11.28
C LYS B 112 -5.34 7.99 -12.23
N TRP B 113 -4.98 6.81 -11.75
CA TRP B 113 -4.29 5.82 -12.55
C TRP B 113 -5.08 4.52 -12.56
N MET B 114 -5.04 3.85 -13.70
CA MET B 114 -5.50 2.49 -13.85
C MET B 114 -4.31 1.62 -14.20
N ILE B 115 -4.22 0.46 -13.57
CA ILE B 115 -3.07 -0.42 -13.65
C ILE B 115 -3.59 -1.84 -13.87
N GLU B 116 -3.11 -2.52 -14.92
CA GLU B 116 -3.51 -3.88 -15.21
C GLU B 116 -2.26 -4.73 -15.32
N TYR B 117 -2.29 -5.95 -14.79
CA TYR B 117 -1.14 -6.85 -14.87
C TYR B 117 -1.59 -8.25 -15.24
N SER B 118 -0.70 -8.98 -15.90
CA SER B 118 -0.98 -10.37 -16.24
C SER B 118 0.33 -11.09 -16.54
N GLY B 119 0.27 -12.42 -16.54
CA GLY B 119 1.36 -13.28 -16.88
C GLY B 119 1.97 -14.03 -15.71
N GLN B 120 1.64 -13.64 -14.49
CA GLN B 120 2.24 -14.25 -13.31
C GLN B 120 1.88 -15.72 -13.18
N ASN B 121 2.88 -16.53 -12.84
CA ASN B 121 2.69 -17.94 -12.54
C ASN B 121 2.68 -18.11 -11.03
N LEU B 122 1.52 -18.41 -10.47
CA LEU B 122 1.39 -18.56 -9.02
C LEU B 122 1.50 -20.04 -8.63
N ASP B 123 2.65 -20.62 -8.98
CA ASP B 123 2.92 -22.02 -8.70
C ASP B 123 4.33 -22.09 -8.09
N SER B 124 4.91 -23.29 -8.07
CA SER B 124 6.20 -23.51 -7.43
C SER B 124 7.38 -23.15 -8.33
N GLY B 125 7.17 -23.09 -9.64
CA GLY B 125 8.22 -22.76 -10.58
C GLY B 125 8.52 -21.28 -10.60
N ALA B 126 9.02 -20.81 -11.73
CA ALA B 126 9.37 -19.40 -11.81
C ALA B 126 8.12 -18.55 -11.94
N LEU B 127 8.20 -17.33 -11.44
CA LEU B 127 7.07 -16.42 -11.53
C LEU B 127 6.76 -16.04 -12.98
N GLY B 128 7.78 -16.01 -13.85
CA GLY B 128 7.55 -15.80 -15.28
C GLY B 128 7.59 -14.34 -15.70
N THR B 129 6.95 -14.07 -16.83
CA THR B 129 6.95 -12.74 -17.44
C THR B 129 5.64 -12.05 -17.12
N ILE B 130 5.74 -10.97 -16.34
CA ILE B 130 4.58 -10.21 -15.89
C ILE B 130 4.58 -8.87 -16.61
N THR B 131 3.49 -8.57 -17.28
CA THR B 131 3.34 -7.31 -17.99
C THR B 131 2.39 -6.42 -17.20
N VAL B 132 2.82 -5.19 -16.94
CA VAL B 132 2.05 -4.19 -16.21
C VAL B 132 1.76 -3.05 -17.17
N ASP B 133 0.49 -2.85 -17.50
CA ASP B 133 0.04 -1.72 -18.32
C ASP B 133 -0.39 -0.58 -17.39
N THR B 134 0.05 0.63 -17.70
CA THR B 134 -0.24 1.80 -16.86
C THR B 134 -0.99 2.84 -17.69
N LEU B 135 -2.03 3.44 -17.11
CA LEU B 135 -2.80 4.46 -17.81
CA LEU B 135 -2.81 4.46 -17.81
C LEU B 135 -3.22 5.55 -16.84
N LYS B 136 -2.80 6.79 -17.09
CA LYS B 136 -3.30 7.90 -16.30
C LYS B 136 -4.61 8.37 -16.91
N LYS B 137 -5.68 8.33 -16.13
CA LYS B 137 -6.97 8.78 -16.62
C LYS B 137 -7.04 10.32 -16.63
N ALA C 5 25.82 21.48 -0.62
CA ALA C 5 26.13 22.59 0.29
C ALA C 5 25.43 22.49 1.65
N GLN C 6 24.21 21.96 1.67
CA GLN C 6 23.42 21.84 2.90
C GLN C 6 23.11 20.38 3.13
N TRP C 7 23.57 19.83 4.25
CA TRP C 7 23.41 18.41 4.52
C TRP C 7 23.67 18.16 6.00
N VAL C 8 23.20 17.01 6.47
CA VAL C 8 23.44 16.54 7.82
C VAL C 8 23.58 15.03 7.76
N ILE C 9 24.38 14.49 8.67
CA ILE C 9 24.44 13.05 8.94
C ILE C 9 24.19 12.90 10.42
N ILE C 10 23.24 12.05 10.80
CA ILE C 10 22.88 11.86 12.21
C ILE C 10 23.17 10.40 12.53
N ILE C 11 24.04 10.16 13.50
CA ILE C 11 24.40 8.80 13.91
C ILE C 11 23.88 8.60 15.32
N ILE C 12 22.95 7.66 15.48
CA ILE C 12 22.38 7.31 16.77
C ILE C 12 23.09 6.08 17.28
N HIS C 13 23.77 6.21 18.42
CA HIS C 13 24.53 5.12 19.01
C HIS C 13 23.94 4.82 20.37
N ASN C 14 23.40 3.61 20.57
CA ASN C 14 22.85 3.22 21.86
C ASN C 14 24.00 2.71 22.72
N VAL C 15 24.38 3.51 23.73
CA VAL C 15 25.49 3.18 24.62
C VAL C 15 25.01 2.61 25.94
N GLY C 16 23.71 2.38 26.07
CA GLY C 16 23.14 1.74 27.23
C GLY C 16 22.75 0.31 26.93
N SER C 17 21.97 -0.27 27.85
CA SER C 17 21.61 -1.68 27.81
C SER C 17 20.18 -1.94 27.38
N GLN C 18 19.42 -0.90 27.05
CA GLN C 18 18.00 -1.02 26.74
C GLN C 18 17.72 -0.41 25.37
N ASP C 19 16.92 -1.14 24.59
CA ASP C 19 16.56 -0.72 23.25
C ASP C 19 15.98 0.69 23.21
N VAL C 20 16.30 1.41 22.14
CA VAL C 20 15.66 2.69 21.83
C VAL C 20 15.13 2.59 20.40
N LYS C 21 14.10 3.38 20.08
CA LYS C 21 13.38 3.26 18.81
C LYS C 21 13.23 4.62 18.15
N ILE C 22 13.41 4.67 16.82
CA ILE C 22 13.22 5.89 16.05
C ILE C 22 11.76 5.95 15.59
N LYS C 23 11.14 7.12 15.72
CA LYS C 23 9.77 7.32 15.26
C LYS C 23 9.61 8.71 14.66
N ASN C 24 8.64 8.82 13.78
CA ASN C 24 8.20 10.10 13.21
C ASN C 24 9.32 10.83 12.48
N LEU C 25 10.12 10.08 11.72
CA LEU C 25 11.17 10.70 10.94
C LEU C 25 10.56 11.35 9.70
N LYS C 26 10.80 12.65 9.52
CA LYS C 26 10.25 13.36 8.37
C LYS C 26 11.14 14.53 8.01
N ALA C 27 11.62 14.56 6.78
CA ALA C 27 12.32 15.72 6.25
C ALA C 27 11.28 16.66 5.64
N SER C 28 11.18 17.87 6.16
CA SER C 28 10.26 18.87 5.61
C SER C 28 10.87 19.66 4.45
N TRP C 29 12.18 19.76 4.38
CA TRP C 29 12.89 20.32 3.24
C TRP C 29 14.04 19.40 2.91
N GLY C 30 14.31 19.24 1.61
CA GLY C 30 15.35 18.34 1.18
C GLY C 30 14.87 16.90 1.21
N LYS C 31 15.81 15.98 1.28
CA LYS C 31 15.50 14.56 1.16
C LYS C 31 16.43 13.74 2.05
N LEU C 32 15.96 12.56 2.42
CA LEU C 32 16.82 11.55 3.01
C LEU C 32 17.56 10.81 1.90
N HIS C 33 18.79 10.37 2.20
CA HIS C 33 19.61 9.74 1.18
C HIS C 33 20.46 8.61 1.77
N ALA C 34 21.02 7.82 0.85
CA ALA C 34 21.81 6.64 1.22
C ALA C 34 23.17 7.04 1.79
N ASP C 35 23.73 6.16 2.63
CA ASP C 35 25.00 6.44 3.29
C ASP C 35 26.07 6.79 2.26
N GLY C 36 26.68 7.95 2.44
CA GLY C 36 27.77 8.37 1.60
C GLY C 36 27.41 8.90 0.23
N ASP C 37 26.12 8.97 -0.13
CA ASP C 37 25.71 9.38 -1.48
C ASP C 37 24.55 10.37 -1.36
N LYS C 38 24.88 11.66 -1.34
CA LYS C 38 23.90 12.71 -1.10
C LYS C 38 22.88 12.85 -2.23
N ASP C 39 23.11 12.21 -3.36
CA ASP C 39 22.19 12.25 -4.50
C ASP C 39 21.19 11.09 -4.52
N ALA C 40 21.39 10.06 -3.72
CA ALA C 40 20.61 8.82 -3.83
C ALA C 40 19.51 8.85 -2.77
N GLU C 41 18.32 9.29 -3.17
CA GLU C 41 17.22 9.46 -2.22
C GLU C 41 16.73 8.10 -1.72
N VAL C 42 16.38 8.03 -0.43
CA VAL C 42 15.82 6.84 0.18
C VAL C 42 14.56 7.20 0.95
N SER C 43 13.76 6.18 1.23
CA SER C 43 12.52 6.34 1.99
C SER C 43 12.77 6.41 3.48
N ALA C 44 11.97 7.24 4.15
CA ALA C 44 11.98 7.28 5.61
C ALA C 44 11.59 5.94 6.21
N SER C 45 10.88 5.09 5.46
CA SER C 45 10.50 3.78 5.99
CA SER C 45 10.50 3.78 5.98
C SER C 45 11.70 2.85 6.16
N ASN C 46 12.88 3.22 5.66
CA ASN C 46 14.09 2.48 6.01
CA ASN C 46 14.09 2.48 6.01
C ASN C 46 14.44 2.61 7.47
N TYR C 47 13.93 3.64 8.16
CA TYR C 47 14.29 3.93 9.54
C TYR C 47 13.11 3.97 10.47
N GLU C 48 11.91 4.24 9.96
CA GLU C 48 10.76 4.45 10.82
C GLU C 48 10.48 3.19 11.65
N GLY C 49 10.39 3.37 12.97
CA GLY C 49 10.12 2.28 13.87
C GLY C 49 11.30 1.36 14.13
N LYS C 50 12.48 1.68 13.62
CA LYS C 50 13.61 0.77 13.79
C LYS C 50 14.16 0.88 15.21
N ILE C 51 14.59 -0.25 15.73
CA ILE C 51 15.18 -0.36 17.06
C ILE C 51 16.69 -0.26 16.93
N VAL C 52 17.31 0.54 17.79
CA VAL C 52 18.76 0.54 17.96
C VAL C 52 19.05 -0.24 19.23
N LYS C 53 19.63 -1.41 19.07
CA LYS C 53 19.95 -2.29 20.17
C LYS C 53 21.22 -1.82 20.87
N PRO C 54 21.49 -2.35 22.07
CA PRO C 54 22.69 -1.93 22.80
C PRO C 54 23.95 -2.07 21.96
N ASP C 55 24.74 -0.98 21.96
CA ASP C 55 26.01 -0.82 21.24
C ASP C 55 25.86 -0.78 19.73
N GLU C 56 24.64 -0.76 19.21
CA GLU C 56 24.40 -0.62 17.78
C GLU C 56 24.33 0.87 17.41
N LYS C 57 24.40 1.12 16.10
CA LYS C 57 24.25 2.44 15.53
C LYS C 57 23.26 2.40 14.38
N LEU C 58 22.59 3.52 14.18
CA LEU C 58 21.72 3.74 13.04
C LEU C 58 22.04 5.13 12.52
N GLN C 59 22.20 5.26 11.21
CA GLN C 59 22.63 6.50 10.59
C GLN C 59 21.54 7.00 9.64
N ILE C 60 21.20 8.28 9.77
CA ILE C 60 20.24 8.96 8.90
C ILE C 60 20.98 10.08 8.19
N ASN C 61 20.78 10.21 6.89
CA ASN C 61 21.48 11.21 6.10
C ASN C 61 20.42 12.05 5.38
N ALA C 62 20.58 13.37 5.41
CA ALA C 62 19.65 14.25 4.72
C ALA C 62 20.41 15.35 4.02
N SER C 63 19.95 15.74 2.84
CA SER C 63 20.64 16.75 2.06
C SER C 63 19.61 17.62 1.33
N GLY C 64 20.07 18.78 0.88
CA GLY C 64 19.23 19.63 0.09
C GLY C 64 18.93 19.02 -1.27
N ARG C 65 18.11 19.74 -2.03
CA ARG C 65 17.82 19.41 -3.41
C ARG C 65 18.53 20.43 -4.30
N SER C 66 19.50 19.96 -5.09
CA SER C 66 20.26 20.86 -5.95
C SER C 66 19.35 21.53 -6.98
N ASP C 67 18.45 20.75 -7.59
CA ASP C 67 17.55 21.31 -8.59
C ASP C 67 16.71 22.44 -8.01
N ALA C 68 16.09 22.21 -6.85
CA ALA C 68 15.26 23.21 -6.22
C ALA C 68 16.06 24.28 -5.47
N ALA C 69 17.37 24.07 -5.28
CA ALA C 69 18.22 25.02 -4.59
C ALA C 69 17.72 25.30 -3.17
N GLU C 70 17.48 24.22 -2.43
CA GLU C 70 16.95 24.29 -1.07
C GLU C 70 17.84 23.53 -0.10
N GLY C 71 17.82 23.95 1.15
CA GLY C 71 18.49 23.27 2.24
C GLY C 71 17.75 22.03 2.70
N THR C 72 18.08 21.58 3.89
CA THR C 72 17.42 20.43 4.47
C THR C 72 16.96 20.75 5.88
N THR C 73 15.75 20.29 6.20
CA THR C 73 15.13 20.53 7.50
C THR C 73 14.35 19.28 7.84
N GLY C 74 14.35 18.89 9.11
CA GLY C 74 13.58 17.72 9.47
C GLY C 74 13.50 17.49 10.96
N THR C 75 12.71 16.48 11.32
CA THR C 75 12.56 16.07 12.71
C THR C 75 12.50 14.56 12.82
N PHE C 76 12.75 14.07 14.02
CA PHE C 76 12.42 12.71 14.40
C PHE C 76 12.32 12.66 15.91
N ASP C 77 11.75 11.57 16.42
CA ASP C 77 11.69 11.27 17.84
C ASP C 77 12.46 9.99 18.14
N LEU C 78 13.01 9.93 19.34
CA LEU C 78 13.35 8.65 19.96
C LEU C 78 12.29 8.34 20.98
N VAL C 79 11.90 7.06 21.03
CA VAL C 79 10.88 6.57 21.94
C VAL C 79 11.37 5.30 22.61
N ASP C 80 10.73 4.95 23.74
CA ASP C 80 11.16 3.85 24.57
C ASP C 80 10.24 2.65 24.36
N PRO C 81 10.66 1.63 23.61
CA PRO C 81 9.77 0.50 23.32
C PRO C 81 9.42 -0.33 24.53
N ALA C 82 10.15 -0.23 25.64
CA ALA C 82 9.80 -0.95 26.87
C ALA C 82 8.77 -0.21 27.70
N ASP C 83 8.43 1.01 27.33
CA ASP C 83 7.57 1.90 28.09
C ASP C 83 6.46 2.44 27.20
N GLY C 84 5.85 1.56 26.39
CA GLY C 84 4.74 1.96 25.55
C GLY C 84 5.09 3.00 24.52
N ASP C 85 6.34 3.00 24.04
CA ASP C 85 6.84 3.99 23.08
C ASP C 85 6.72 5.40 23.64
N LYS C 86 6.91 5.54 24.95
CA LYS C 86 6.97 6.84 25.58
C LYS C 86 8.08 7.65 24.92
N GLN C 87 7.80 8.92 24.71
CA GLN C 87 8.77 9.82 24.13
C GLN C 87 10.03 9.88 24.98
N VAL C 88 11.19 9.80 24.34
CA VAL C 88 12.48 9.99 24.97
C VAL C 88 12.92 11.43 24.74
N ARG C 89 13.17 11.80 23.47
CA ARG C 89 13.42 13.18 23.10
C ARG C 89 12.94 13.38 21.67
N HIS C 90 12.73 14.64 21.33
CA HIS C 90 12.42 15.11 19.99
C HIS C 90 13.64 15.83 19.43
N PHE C 91 13.85 15.69 18.14
CA PHE C 91 15.03 16.20 17.45
C PHE C 91 14.60 17.04 16.26
N TYR C 92 15.27 18.16 16.05
CA TYR C 92 15.03 19.07 14.93
C TYR C 92 16.35 19.46 14.29
N TRP C 93 16.43 19.39 12.97
CA TRP C 93 17.60 19.88 12.24
C TRP C 93 17.19 20.89 11.19
N ASP C 94 18.09 21.85 10.95
CA ASP C 94 17.92 22.78 9.84
C ASP C 94 19.30 23.17 9.34
N SER C 95 19.53 22.98 8.04
CA SER C 95 20.74 23.42 7.36
C SER C 95 20.27 24.25 6.18
N PRO C 96 20.04 25.55 6.37
CA PRO C 96 19.44 26.38 5.32
C PRO C 96 20.50 26.96 4.38
N TRP C 97 20.03 27.43 3.21
CA TRP C 97 20.95 28.07 2.28
C TRP C 97 21.17 29.54 2.68
N GLY C 98 22.18 30.15 2.05
CA GLY C 98 22.51 31.52 2.37
C GLY C 98 23.30 31.64 3.67
N SER C 99 23.27 32.84 4.22
CA SER C 99 24.01 33.12 5.43
C SER C 99 23.25 32.71 6.69
N LYS C 100 22.04 32.17 6.56
CA LYS C 100 21.26 31.79 7.72
C LYS C 100 21.95 30.67 8.50
N THR C 101 21.93 30.79 9.81
CA THR C 101 22.61 29.84 10.70
C THR C 101 21.92 28.48 10.68
N ASN C 102 22.71 27.43 10.89
CA ASN C 102 22.17 26.08 11.11
C ASN C 102 21.59 25.96 12.50
N THR C 103 20.67 25.00 12.67
CA THR C 103 20.06 24.71 13.95
C THR C 103 20.02 23.21 14.16
N TRP C 104 20.30 22.80 15.39
CA TRP C 104 20.12 21.42 15.84
C TRP C 104 19.60 21.50 17.26
N THR C 105 18.38 21.00 17.50
CA THR C 105 17.73 21.17 18.80
C THR C 105 17.14 19.86 19.27
N VAL C 106 17.45 19.51 20.51
CA VAL C 106 16.93 18.33 21.18
C VAL C 106 16.02 18.82 22.30
N SER C 107 14.81 18.26 22.38
CA SER C 107 13.79 18.76 23.30
CA SER C 107 13.82 18.76 23.32
C SER C 107 13.12 17.60 23.99
N GLY C 108 12.53 17.87 25.14
CA GLY C 108 11.73 16.91 25.86
C GLY C 108 12.34 16.53 27.19
N SER C 109 11.49 15.88 27.99
CA SER C 109 11.79 15.47 29.34
C SER C 109 11.40 14.00 29.40
N ASN C 110 12.35 13.17 29.71
CA ASN C 110 12.12 11.80 30.12
C ASN C 110 13.30 11.47 31.02
N THR C 111 13.04 11.37 32.32
CA THR C 111 14.11 11.27 33.31
C THR C 111 14.79 9.92 33.30
N LYS C 112 14.22 8.92 32.64
CA LYS C 112 14.83 7.60 32.62
C LYS C 112 15.94 7.51 31.60
N TRP C 113 16.08 8.51 30.74
CA TRP C 113 17.03 8.47 29.63
C TRP C 113 17.97 9.65 29.70
N MET C 114 19.17 9.40 29.25
CA MET C 114 20.18 10.43 29.08
C MET C 114 20.60 10.41 27.62
N ILE C 115 20.76 11.59 27.06
CA ILE C 115 21.03 11.78 25.64
C ILE C 115 22.14 12.81 25.51
N GLU C 116 23.21 12.46 24.81
CA GLU C 116 24.34 13.34 24.56
C GLU C 116 24.53 13.47 23.06
N TYR C 117 24.80 14.66 22.57
CA TYR C 117 25.04 14.85 21.13
C TYR C 117 26.25 15.76 20.92
N SER C 118 26.90 15.59 19.78
CA SER C 118 28.02 16.44 19.42
C SER C 118 28.25 16.36 17.92
N GLY C 119 29.03 17.32 17.42
CA GLY C 119 29.48 17.37 16.04
C GLY C 119 28.83 18.44 15.19
N GLN C 120 27.72 18.99 15.64
CA GLN C 120 26.98 19.96 14.83
C GLN C 120 27.82 21.19 14.53
N ASN C 121 27.70 21.68 13.31
CA ASN C 121 28.35 22.91 12.86
C ASN C 121 27.31 24.00 12.89
N LEU C 122 27.46 24.92 13.84
CA LEU C 122 26.58 26.08 13.93
C LEU C 122 27.22 27.32 13.30
N ASP C 123 28.35 27.16 12.61
CA ASP C 123 28.96 28.23 11.83
C ASP C 123 28.57 28.03 10.37
N SER C 124 29.14 28.84 9.47
CA SER C 124 28.73 28.78 8.08
C SER C 124 28.99 27.39 7.50
N GLY C 125 28.12 26.97 6.59
CA GLY C 125 28.26 25.72 5.89
C GLY C 125 27.18 24.73 6.26
N ALA C 126 27.46 23.47 5.96
CA ALA C 126 26.54 22.38 6.25
C ALA C 126 26.50 22.09 7.75
N LEU C 127 25.34 21.62 8.21
CA LEU C 127 25.20 21.28 9.62
C LEU C 127 26.16 20.15 10.03
N GLY C 128 26.46 19.22 9.13
CA GLY C 128 27.54 18.28 9.35
C GLY C 128 27.13 16.97 9.99
N THR C 129 28.10 16.31 10.62
CA THR C 129 27.91 14.98 11.21
C THR C 129 27.67 15.10 12.70
N ILE C 130 26.48 14.72 13.14
CA ILE C 130 26.07 14.79 14.53
C ILE C 130 25.92 13.38 15.07
N THR C 131 26.57 13.09 16.18
CA THR C 131 26.46 11.80 16.84
C THR C 131 25.61 11.97 18.09
N VAL C 132 24.61 11.12 18.25
CA VAL C 132 23.70 11.11 19.38
C VAL C 132 23.88 9.79 20.12
N ASP C 133 24.35 9.88 21.36
CA ASP C 133 24.49 8.72 22.25
C ASP C 133 23.29 8.65 23.16
N THR C 134 22.71 7.46 23.31
CA THR C 134 21.51 7.22 24.11
C THR C 134 21.80 6.24 25.23
N LEU C 135 21.28 6.51 26.43
CA LEU C 135 21.43 5.56 27.53
C LEU C 135 20.19 5.60 28.44
N LYS C 136 19.59 4.45 28.70
CA LYS C 136 18.52 4.35 29.69
C LYS C 136 19.11 4.01 31.06
N LYS C 137 18.78 4.81 32.07
CA LYS C 137 19.34 4.61 33.42
C LYS C 137 18.61 3.58 34.27
N GLY C 138 17.30 3.45 34.14
CA GLY C 138 16.53 2.58 35.02
C GLY C 138 15.07 2.64 34.63
N ASN C 139 14.28 1.84 35.33
CA ASN C 139 12.85 1.80 35.04
C ASN C 139 12.11 2.87 35.85
N ALA D 3 -11.29 -23.64 7.21
CA ALA D 3 -12.35 -24.33 7.94
C ALA D 3 -13.46 -23.36 8.37
N TYR D 4 -13.90 -22.52 7.44
CA TYR D 4 -14.95 -21.54 7.70
C TYR D 4 -15.84 -21.45 6.46
N ALA D 5 -16.91 -20.66 6.57
CA ALA D 5 -17.82 -20.51 5.44
C ALA D 5 -17.10 -19.82 4.29
N GLN D 6 -17.31 -20.34 3.10
CA GLN D 6 -16.68 -19.81 1.89
C GLN D 6 -17.65 -18.92 1.13
N TRP D 7 -17.15 -17.79 0.64
CA TRP D 7 -17.98 -16.83 -0.06
C TRP D 7 -17.08 -15.90 -0.85
N VAL D 8 -17.68 -15.29 -1.87
CA VAL D 8 -17.07 -14.26 -2.68
C VAL D 8 -18.15 -13.21 -2.97
N ILE D 9 -17.72 -11.95 -3.07
CA ILE D 9 -18.54 -10.87 -3.63
C ILE D 9 -17.71 -10.26 -4.72
N ILE D 10 -18.26 -10.17 -5.92
CA ILE D 10 -17.57 -9.60 -7.06
C ILE D 10 -18.34 -8.34 -7.43
N ILE D 11 -17.65 -7.20 -7.40
CA ILE D 11 -18.27 -5.91 -7.70
C ILE D 11 -17.67 -5.41 -8.99
N ILE D 12 -18.46 -5.37 -10.06
CA ILE D 12 -18.01 -4.84 -11.33
CA ILE D 12 -18.04 -4.85 -11.35
C ILE D 12 -18.36 -3.36 -11.37
N HIS D 13 -17.34 -2.53 -11.48
CA HIS D 13 -17.53 -1.08 -11.48
C HIS D 13 -17.08 -0.58 -12.85
N ASN D 14 -17.99 -0.07 -13.64
CA ASN D 14 -17.63 0.48 -14.94
C ASN D 14 -17.17 1.91 -14.71
N VAL D 15 -15.86 2.13 -14.81
CA VAL D 15 -15.27 3.44 -14.60
C VAL D 15 -14.95 4.15 -15.90
N GLY D 16 -15.32 3.56 -17.03
CA GLY D 16 -15.19 4.21 -18.31
C GLY D 16 -16.50 4.80 -18.79
N SER D 17 -16.53 5.12 -20.08
CA SER D 17 -17.65 5.81 -20.70
C SER D 17 -18.51 4.90 -21.56
N GLN D 18 -18.17 3.61 -21.65
CA GLN D 18 -18.79 2.70 -22.59
C GLN D 18 -19.35 1.48 -21.84
N ASP D 19 -20.56 1.08 -22.19
CA ASP D 19 -21.23 -0.05 -21.57
C ASP D 19 -20.39 -1.32 -21.65
N VAL D 20 -20.49 -2.15 -20.61
CA VAL D 20 -19.94 -3.50 -20.58
C VAL D 20 -21.07 -4.43 -20.17
N LYS D 21 -20.96 -5.70 -20.55
CA LYS D 21 -22.07 -6.66 -20.39
C LYS D 21 -21.57 -7.96 -19.78
N ILE D 22 -22.36 -8.54 -18.89
CA ILE D 22 -22.00 -9.80 -18.28
CA ILE D 22 -22.05 -9.81 -18.22
C ILE D 22 -22.67 -10.95 -19.00
N LYS D 23 -21.91 -12.02 -19.22
CA LYS D 23 -22.41 -13.21 -19.88
C LYS D 23 -21.85 -14.45 -19.21
N ASN D 24 -22.60 -15.54 -19.34
CA ASN D 24 -22.14 -16.88 -18.95
C ASN D 24 -21.78 -16.96 -17.47
N LEU D 25 -22.59 -16.36 -16.61
CA LEU D 25 -22.37 -16.45 -15.18
C LEU D 25 -22.81 -17.82 -14.69
N LYS D 26 -21.89 -18.59 -14.10
CA LYS D 26 -22.23 -19.94 -13.66
C LYS D 26 -21.38 -20.29 -12.44
N ALA D 27 -22.03 -20.63 -11.35
CA ALA D 27 -21.35 -21.22 -10.20
C ALA D 27 -21.34 -22.73 -10.37
N SER D 28 -20.14 -23.31 -10.45
CA SER D 28 -20.00 -24.76 -10.52
C SER D 28 -20.04 -25.42 -9.14
N TRP D 29 -19.67 -24.69 -8.08
CA TRP D 29 -19.79 -25.15 -6.71
C TRP D 29 -20.39 -24.01 -5.91
N GLY D 30 -21.30 -24.33 -5.02
CA GLY D 30 -21.99 -23.29 -4.28
C GLY D 30 -23.10 -22.70 -5.11
N LYS D 31 -23.58 -21.54 -4.69
CA LYS D 31 -24.69 -20.93 -5.40
C LYS D 31 -24.59 -19.42 -5.36
N LEU D 32 -25.21 -18.79 -6.35
CA LEU D 32 -25.40 -17.35 -6.34
C LEU D 32 -26.49 -16.99 -5.35
N HIS D 33 -26.30 -15.86 -4.66
CA HIS D 33 -27.28 -15.46 -3.65
C HIS D 33 -27.47 -13.95 -3.64
N ALA D 34 -28.50 -13.53 -2.92
CA ALA D 34 -28.87 -12.12 -2.82
C ALA D 34 -27.88 -11.35 -1.96
N ASP D 35 -27.80 -10.04 -2.21
CA ASP D 35 -26.91 -9.19 -1.43
C ASP D 35 -27.19 -9.35 0.06
N GLY D 36 -26.17 -9.65 0.85
CA GLY D 36 -26.30 -9.73 2.28
C GLY D 36 -27.09 -10.91 2.81
N ASP D 37 -27.35 -11.94 2.01
CA ASP D 37 -27.97 -13.15 2.55
C ASP D 37 -27.41 -14.38 1.84
N LYS D 38 -26.41 -15.02 2.46
CA LYS D 38 -25.65 -16.12 1.84
C LYS D 38 -26.48 -17.37 1.62
N ASP D 39 -27.65 -17.49 2.24
CA ASP D 39 -28.51 -18.65 2.06
C ASP D 39 -29.68 -18.39 1.12
N ALA D 40 -29.83 -17.16 0.60
CA ALA D 40 -30.97 -16.81 -0.26
C ALA D 40 -30.55 -16.90 -1.73
N GLU D 41 -30.77 -18.06 -2.31
CA GLU D 41 -30.29 -18.31 -3.66
C GLU D 41 -31.04 -17.46 -4.68
N VAL D 42 -30.31 -16.97 -5.69
CA VAL D 42 -30.88 -16.26 -6.83
C VAL D 42 -30.47 -16.93 -8.12
N SER D 43 -31.26 -16.71 -9.15
CA SER D 43 -30.98 -17.24 -10.48
C SER D 43 -29.87 -16.45 -11.16
N ALA D 44 -29.03 -17.16 -11.91
CA ALA D 44 -28.07 -16.49 -12.75
C ALA D 44 -28.74 -15.59 -13.78
N SER D 45 -30.00 -15.84 -14.13
CA SER D 45 -30.70 -14.96 -15.08
C SER D 45 -30.98 -13.59 -14.52
N ASN D 46 -30.79 -13.37 -13.21
CA ASN D 46 -30.87 -12.02 -12.69
C ASN D 46 -29.73 -11.16 -13.22
N TYR D 47 -28.63 -11.78 -13.66
CA TYR D 47 -27.44 -11.10 -14.15
C TYR D 47 -27.13 -11.38 -15.61
N GLU D 48 -27.60 -12.50 -16.16
CA GLU D 48 -27.16 -12.90 -17.48
C GLU D 48 -27.57 -11.86 -18.50
N GLY D 49 -26.60 -11.37 -19.26
CA GLY D 49 -26.85 -10.37 -20.29
C GLY D 49 -27.03 -8.96 -19.78
N LYS D 50 -26.86 -8.72 -18.50
CA LYS D 50 -27.06 -7.37 -17.96
C LYS D 50 -25.92 -6.45 -18.37
N ILE D 51 -26.27 -5.22 -18.65
CA ILE D 51 -25.33 -4.15 -18.95
C ILE D 51 -24.98 -3.40 -17.69
N VAL D 52 -23.70 -3.12 -17.51
CA VAL D 52 -23.22 -2.21 -16.49
C VAL D 52 -22.87 -0.91 -17.20
N LYS D 53 -23.64 0.12 -16.94
CA LYS D 53 -23.47 1.40 -17.61
C LYS D 53 -22.34 2.19 -16.95
N PRO D 54 -21.87 3.24 -17.60
CA PRO D 54 -20.82 4.09 -17.00
C PRO D 54 -21.17 4.53 -15.60
N ASP D 55 -20.20 4.39 -14.71
CA ASP D 55 -20.28 4.76 -13.30
CA ASP D 55 -20.22 4.70 -13.29
C ASP D 55 -21.13 3.81 -12.47
N GLU D 56 -21.72 2.79 -13.07
CA GLU D 56 -22.53 1.86 -12.30
C GLU D 56 -21.69 0.72 -11.75
N LYS D 57 -22.22 0.08 -10.73
CA LYS D 57 -21.72 -1.16 -10.17
C LYS D 57 -22.74 -2.26 -10.33
N LEU D 58 -22.26 -3.48 -10.53
CA LEU D 58 -23.07 -4.67 -10.44
C LEU D 58 -22.38 -5.63 -9.48
N GLN D 59 -23.12 -6.09 -8.49
CA GLN D 59 -22.60 -6.95 -7.44
C GLN D 59 -23.11 -8.37 -7.61
N ILE D 60 -22.19 -9.33 -7.64
CA ILE D 60 -22.48 -10.76 -7.70
C ILE D 60 -22.02 -11.38 -6.40
N ASN D 61 -22.86 -12.20 -5.76
CA ASN D 61 -22.50 -12.85 -4.51
C ASN D 61 -22.63 -14.35 -4.70
N ALA D 62 -21.63 -15.10 -4.26
CA ALA D 62 -21.73 -16.56 -4.27
C ALA D 62 -21.18 -17.14 -2.98
N SER D 63 -21.79 -18.23 -2.53
CA SER D 63 -21.39 -18.85 -1.28
CA SER D 63 -21.40 -18.85 -1.28
C SER D 63 -21.47 -20.37 -1.41
N GLY D 64 -20.71 -21.04 -0.59
CA GLY D 64 -20.80 -22.49 -0.51
C GLY D 64 -21.83 -22.94 0.47
N ARG D 65 -22.08 -24.25 0.43
CA ARG D 65 -22.95 -24.90 1.41
CA ARG D 65 -22.95 -24.88 1.42
C ARG D 65 -22.12 -25.08 2.69
N SER D 66 -22.27 -24.14 3.63
CA SER D 66 -21.39 -24.05 4.78
C SER D 66 -21.62 -25.14 5.82
N ASP D 67 -22.76 -25.83 5.79
CA ASP D 67 -22.98 -26.98 6.66
C ASP D 67 -22.58 -28.30 6.01
N ALA D 68 -21.98 -28.25 4.82
CA ALA D 68 -21.51 -29.44 4.11
C ALA D 68 -20.07 -29.30 3.68
N ALA D 69 -19.31 -28.43 4.33
CA ALA D 69 -17.89 -28.26 4.07
C ALA D 69 -17.63 -28.05 2.59
N GLU D 70 -18.43 -27.19 1.99
CA GLU D 70 -18.37 -26.95 0.56
C GLU D 70 -17.96 -25.52 0.28
N GLY D 71 -17.12 -25.36 -0.72
CA GLY D 71 -16.68 -24.06 -1.14
C GLY D 71 -17.54 -23.54 -2.27
N THR D 72 -17.09 -22.46 -2.88
CA THR D 72 -17.74 -21.93 -4.06
C THR D 72 -16.72 -21.70 -5.17
N THR D 73 -17.12 -22.00 -6.40
CA THR D 73 -16.29 -21.90 -7.58
C THR D 73 -17.19 -21.45 -8.70
N GLY D 74 -16.68 -20.63 -9.60
CA GLY D 74 -17.53 -20.19 -10.70
C GLY D 74 -16.77 -19.40 -11.74
N THR D 75 -17.48 -19.05 -12.80
CA THR D 75 -16.93 -18.25 -13.87
C THR D 75 -17.96 -17.27 -14.38
N PHE D 76 -17.49 -16.25 -15.10
CA PHE D 76 -18.33 -15.40 -15.93
C PHE D 76 -17.43 -14.72 -16.94
N ASP D 77 -18.06 -14.14 -17.94
CA ASP D 77 -17.39 -13.30 -18.94
C ASP D 77 -17.91 -11.88 -18.87
N LEU D 78 -17.05 -10.93 -19.19
CA LEU D 78 -17.48 -9.62 -19.63
C LEU D 78 -17.32 -9.57 -21.14
N VAL D 79 -18.29 -8.97 -21.81
CA VAL D 79 -18.32 -8.83 -23.26
C VAL D 79 -18.67 -7.38 -23.61
N ASP D 80 -18.36 -7.01 -24.86
CA ASP D 80 -18.51 -5.63 -25.31
C ASP D 80 -19.76 -5.52 -26.18
N PRO D 81 -20.86 -4.95 -25.66
CA PRO D 81 -22.13 -4.91 -26.41
C PRO D 81 -22.10 -4.02 -27.63
N ALA D 82 -21.12 -3.14 -27.79
CA ALA D 82 -20.97 -2.33 -28.99
C ALA D 82 -20.10 -3.01 -30.03
N ASP D 83 -19.53 -4.17 -29.73
CA ASP D 83 -18.61 -4.86 -30.63
C ASP D 83 -19.02 -6.33 -30.77
N GLY D 84 -20.31 -6.54 -31.00
CA GLY D 84 -20.84 -7.87 -31.25
C GLY D 84 -20.71 -8.81 -30.08
N ASP D 85 -20.66 -8.28 -28.86
CA ASP D 85 -20.45 -9.10 -27.65
C ASP D 85 -19.11 -9.82 -27.69
N LYS D 86 -18.12 -9.19 -28.33
CA LYS D 86 -16.76 -9.72 -28.29
C LYS D 86 -16.31 -9.85 -26.84
N GLN D 87 -15.62 -10.94 -26.51
CA GLN D 87 -15.15 -11.11 -25.14
C GLN D 87 -14.19 -10.00 -24.74
N VAL D 88 -14.38 -9.51 -23.53
CA VAL D 88 -13.49 -8.56 -22.89
C VAL D 88 -12.48 -9.34 -22.04
N ARG D 89 -12.97 -10.06 -21.02
CA ARG D 89 -12.16 -11.00 -20.27
C ARG D 89 -13.05 -12.12 -19.78
N HIS D 90 -12.41 -13.22 -19.42
CA HIS D 90 -13.00 -14.35 -18.70
C HIS D 90 -12.55 -14.30 -17.25
N PHE D 91 -13.42 -14.70 -16.35
CA PHE D 91 -13.18 -14.63 -14.93
C PHE D 91 -13.45 -15.97 -14.28
N TYR D 92 -12.64 -16.34 -13.28
CA TYR D 92 -12.75 -17.59 -12.55
C TYR D 92 -12.49 -17.34 -11.09
N TRP D 93 -13.40 -17.81 -10.24
CA TRP D 93 -13.20 -17.79 -8.79
C TRP D 93 -13.20 -19.18 -8.20
N ASP D 94 -12.41 -19.36 -7.15
CA ASP D 94 -12.41 -20.60 -6.39
C ASP D 94 -12.08 -20.27 -4.95
N SER D 95 -13.00 -20.61 -4.07
CA SER D 95 -12.87 -20.40 -2.62
C SER D 95 -13.16 -21.74 -1.96
N PRO D 96 -12.18 -22.63 -1.92
CA PRO D 96 -12.41 -23.96 -1.36
C PRO D 96 -12.51 -23.93 0.16
N TRP D 97 -13.21 -24.92 0.68
CA TRP D 97 -13.44 -25.03 2.11
C TRP D 97 -12.20 -25.62 2.79
N GLY D 98 -11.87 -25.05 3.95
CA GLY D 98 -10.74 -25.52 4.74
C GLY D 98 -9.60 -24.52 4.75
N SER D 99 -8.37 -25.02 4.81
CA SER D 99 -7.19 -24.17 4.76
C SER D 99 -6.65 -24.01 3.33
N LYS D 100 -7.43 -24.42 2.34
CA LYS D 100 -6.95 -24.46 0.97
C LYS D 100 -6.87 -23.04 0.39
N THR D 101 -5.75 -22.76 -0.28
CA THR D 101 -5.55 -21.53 -1.05
C THR D 101 -6.74 -21.25 -1.98
N ASN D 102 -7.07 -19.98 -2.13
CA ASN D 102 -8.11 -19.54 -3.07
C ASN D 102 -7.48 -19.09 -4.38
N THR D 103 -8.31 -18.98 -5.42
CA THR D 103 -7.87 -18.56 -6.73
C THR D 103 -8.84 -17.54 -7.28
N TRP D 104 -8.29 -16.52 -7.91
CA TRP D 104 -9.06 -15.52 -8.65
C TRP D 104 -8.28 -15.22 -9.92
N THR D 105 -8.82 -15.58 -11.08
CA THR D 105 -8.06 -15.48 -12.32
C THR D 105 -8.87 -14.72 -13.35
N VAL D 106 -8.24 -13.70 -13.92
CA VAL D 106 -8.78 -12.91 -15.03
C VAL D 106 -7.94 -13.28 -16.23
N SER D 107 -8.59 -13.65 -17.33
CA SER D 107 -7.91 -14.22 -18.48
C SER D 107 -8.54 -13.69 -19.75
N GLY D 108 -7.93 -14.05 -20.88
CA GLY D 108 -8.33 -13.52 -22.16
C GLY D 108 -7.69 -12.18 -22.43
N SER D 109 -7.86 -11.71 -23.67
CA SER D 109 -7.27 -10.45 -24.09
C SER D 109 -8.28 -9.69 -24.94
N ASN D 110 -8.28 -8.38 -24.78
CA ASN D 110 -9.04 -7.47 -25.64
C ASN D 110 -8.42 -6.11 -25.37
N THR D 111 -7.60 -5.63 -26.30
CA THR D 111 -6.82 -4.43 -26.03
C THR D 111 -7.65 -3.16 -26.07
N LYS D 112 -8.92 -3.22 -26.46
CA LYS D 112 -9.79 -2.07 -26.37
C LYS D 112 -10.20 -1.78 -24.92
N TRP D 113 -9.93 -2.70 -24.01
CA TRP D 113 -10.41 -2.60 -22.64
C TRP D 113 -9.25 -2.74 -21.67
N MET D 114 -9.35 -1.99 -20.58
CA MET D 114 -8.46 -2.12 -19.45
C MET D 114 -9.25 -2.57 -18.25
N ILE D 115 -8.70 -3.51 -17.50
CA ILE D 115 -9.39 -4.19 -16.41
C ILE D 115 -8.43 -4.22 -15.22
N GLU D 116 -8.90 -3.72 -14.06
CA GLU D 116 -8.08 -3.70 -12.86
C GLU D 116 -8.90 -4.31 -11.73
N TYR D 117 -8.30 -5.17 -10.91
CA TYR D 117 -9.02 -5.82 -9.84
C TYR D 117 -8.19 -5.80 -8.57
N SER D 118 -8.88 -5.86 -7.43
CA SER D 118 -8.21 -5.93 -6.13
C SER D 118 -9.22 -6.44 -5.11
N GLY D 119 -8.68 -6.78 -3.93
CA GLY D 119 -9.46 -7.23 -2.80
C GLY D 119 -9.39 -8.71 -2.52
N GLN D 120 -9.00 -9.53 -3.50
CA GLN D 120 -9.03 -10.97 -3.32
C GLN D 120 -8.14 -11.41 -2.16
N ASN D 121 -8.63 -12.37 -1.41
CA ASN D 121 -7.85 -13.00 -0.36
C ASN D 121 -7.35 -14.34 -0.89
N LEU D 122 -6.05 -14.46 -1.16
CA LEU D 122 -5.54 -15.68 -1.77
C LEU D 122 -5.05 -16.69 -0.76
N ASP D 123 -5.01 -16.31 0.51
CA ASP D 123 -4.59 -17.20 1.59
C ASP D 123 -5.81 -17.94 2.11
N SER D 124 -5.68 -18.54 3.29
CA SER D 124 -6.77 -19.28 3.91
C SER D 124 -7.94 -18.37 4.22
N GLY D 125 -9.11 -18.96 4.27
CA GLY D 125 -10.30 -18.21 4.56
C GLY D 125 -11.02 -17.93 3.27
N ALA D 126 -12.07 -17.14 3.36
CA ALA D 126 -12.91 -16.92 2.20
C ALA D 126 -12.22 -16.01 1.19
N LEU D 127 -12.51 -16.23 -0.08
CA LEU D 127 -11.94 -15.40 -1.13
C LEU D 127 -12.28 -13.93 -0.93
N GLY D 128 -13.50 -13.63 -0.49
CA GLY D 128 -13.84 -12.30 -0.05
C GLY D 128 -14.39 -11.36 -1.11
N THR D 129 -14.18 -10.06 -0.94
CA THR D 129 -14.78 -9.03 -1.78
C THR D 129 -13.76 -8.54 -2.80
N ILE D 130 -14.06 -8.73 -4.07
CA ILE D 130 -13.19 -8.39 -5.17
C ILE D 130 -13.87 -7.32 -6.00
N THR D 131 -13.18 -6.22 -6.24
CA THR D 131 -13.69 -5.15 -7.08
C THR D 131 -12.97 -5.19 -8.42
N VAL D 132 -13.74 -5.15 -9.49
CA VAL D 132 -13.22 -5.19 -10.86
C VAL D 132 -13.62 -3.88 -11.53
N ASP D 133 -12.65 -3.06 -11.84
CA ASP D 133 -12.88 -1.79 -12.54
C ASP D 133 -12.69 -2.04 -14.03
N THR D 134 -13.64 -1.57 -14.84
CA THR D 134 -13.59 -1.76 -16.29
C THR D 134 -13.54 -0.42 -17.01
N LEU D 135 -12.69 -0.30 -18.03
CA LEU D 135 -12.62 0.93 -18.81
C LEU D 135 -12.36 0.59 -20.26
N LYS D 136 -13.21 1.06 -21.16
CA LYS D 136 -12.94 0.92 -22.59
C LYS D 136 -12.02 2.07 -22.99
N LYS D 137 -10.78 1.74 -23.37
CA LYS D 137 -9.80 2.74 -23.74
C LYS D 137 -9.56 2.84 -25.23
N GLY D 138 -10.06 1.90 -26.02
CA GLY D 138 -9.87 1.90 -27.44
C GLY D 138 -8.51 1.36 -27.81
N ASN D 139 -8.33 1.18 -29.12
CA ASN D 139 -7.15 0.60 -29.75
C ASN D 139 -7.24 -0.93 -29.86
#